data_8XPA
#
_entry.id   8XPA
#
_cell.length_a   39.432
_cell.length_b   46.243
_cell.length_c   47.061
_cell.angle_alpha   90.00
_cell.angle_beta   110.92
_cell.angle_gamma   90.00
#
_symmetry.space_group_name_H-M   'P 1 21 1'
#
loop_
_entity.id
_entity.type
_entity.pdbx_description
1 polymer "DNA (5'-D(P*AP*CP*GP*GP*CP*GP*T)-3')"
2 polymer "DNA (5'-D(P*AP*CP*GP*(5CM)P*CP*GP*T)-3')"
3 non-polymer 'MANGANESE (II) ION'
4 non-polymer 'MAGNESIUM ION'
5 water water
#
loop_
_entity_poly.entity_id
_entity_poly.type
_entity_poly.pdbx_seq_one_letter_code
_entity_poly.pdbx_strand_id
1 'polydeoxyribonucleotide' (DA)(DC)(DG)(DG)(DC)(DG)(DT) A,D,F,H
2 'polydeoxyribonucleotide' (DA)(DC)(DG)(5CM)(DC)(DG)(DT) B,C,E,G
#